data_3CL7
#
_entry.id   3CL7
#
_cell.length_a   98.135
_cell.length_b   98.135
_cell.length_c   62.103
_cell.angle_alpha   90.00
_cell.angle_beta   90.00
_cell.angle_gamma   90.00
#
_symmetry.space_group_name_H-M   'P 4'
#
loop_
_entity.id
_entity.type
_entity.pdbx_description
1 polymer 'Puue Allantoinase'
2 non-polymer imidazolidine-2,4-dione
3 water water
#
_entity_poly.entity_id   1
_entity_poly.type   'polypeptide(L)'
_entity_poly.pdbx_seq_one_letter_code
;MSVDYPRDLIGYGSNPPHPHWPGKARIALSFVLNYEEGGERNILHGDKESEAFLSEMVSAQPLQGERNMSMESLYEYGSR
AGVWRILKLFKAFDIPLTIFAVAMAAQRHPDVIRAMVAAGHEICSHGYRWIDYQYMDEAQEREHMLEAIRILTELTGERP
LGWYTGRTGPNTRRLVMEEGGFLYDCDTYDDDLPYWEPNNPTGKPHLVIPYTLDTNDMRFTQVQGFNKGDDFFEYLKDAF
DVLYAEGAEAPKMLSIGLHCRLIGRPARLAALQRFIEYAKSHEQVWFTRRVDIARHWHATHPYTGAAK
;
_entity_poly.pdbx_strand_id   A,B
#
# COMPACT_ATOMS: atom_id res chain seq x y z
N VAL A 3 11.48 36.90 21.64
CA VAL A 3 11.84 36.19 22.91
C VAL A 3 11.77 34.67 22.75
N ASP A 4 11.89 33.95 23.87
CA ASP A 4 11.82 32.48 23.89
C ASP A 4 10.36 32.00 23.76
N TYR A 5 9.80 32.35 22.61
CA TYR A 5 8.42 32.11 22.27
C TYR A 5 8.17 30.65 21.84
N PRO A 6 7.36 29.94 22.61
CA PRO A 6 7.10 28.53 22.41
C PRO A 6 6.25 28.13 21.20
N ARG A 7 5.97 29.06 20.30
CA ARG A 7 5.29 28.76 19.04
C ARG A 7 6.22 29.04 17.89
N ASP A 8 6.07 28.25 16.82
CA ASP A 8 6.77 28.47 15.58
C ASP A 8 5.78 29.05 14.56
N LEU A 9 5.74 30.38 14.50
CA LEU A 9 4.91 31.13 13.57
C LEU A 9 5.46 31.07 12.13
N ILE A 10 6.68 30.55 11.98
CA ILE A 10 7.39 30.66 10.69
C ILE A 10 7.43 29.38 9.89
N GLY A 11 7.72 28.26 10.56
CA GLY A 11 7.74 26.97 9.93
C GLY A 11 8.72 26.92 8.77
N TYR A 12 8.23 26.49 7.61
CA TYR A 12 9.07 26.36 6.44
C TYR A 12 9.34 27.72 5.76
N GLY A 13 8.68 28.79 6.19
CA GLY A 13 8.74 30.06 5.45
C GLY A 13 8.35 29.91 3.98
N SER A 14 9.02 30.64 3.10
CA SER A 14 8.65 30.62 1.69
C SER A 14 9.30 29.44 0.97
N ASN A 15 9.92 28.56 1.73
CA ASN A 15 10.60 27.42 1.15
C ASN A 15 10.15 26.06 1.69
N PRO A 16 8.94 25.60 1.28
CA PRO A 16 8.51 24.27 1.66
C PRO A 16 9.15 23.18 0.83
N PRO A 17 9.45 22.03 1.46
CA PRO A 17 10.07 20.90 0.76
C PRO A 17 9.14 20.23 -0.23
N HIS A 18 9.71 19.64 -1.29
CA HIS A 18 8.95 18.81 -2.21
C HIS A 18 8.80 17.45 -1.52
N PRO A 19 7.55 17.01 -1.34
CA PRO A 19 7.24 15.70 -0.72
C PRO A 19 7.65 14.49 -1.55
N HIS A 20 7.77 14.68 -2.87
CA HIS A 20 7.98 13.58 -3.83
C HIS A 20 7.02 12.41 -3.61
N TRP A 21 5.72 12.69 -3.61
CA TRP A 21 4.70 11.64 -3.42
C TRP A 21 4.90 10.55 -4.47
N PRO A 22 4.59 9.29 -4.11
CA PRO A 22 4.61 8.21 -5.09
C PRO A 22 3.77 8.52 -6.33
N GLY A 23 4.20 7.95 -7.45
CA GLY A 23 3.50 8.11 -8.73
C GLY A 23 3.56 9.56 -9.18
N LYS A 24 4.62 10.25 -8.76
CA LYS A 24 4.81 11.67 -9.02
C LYS A 24 3.54 12.50 -8.77
N ALA A 25 2.86 12.24 -7.65
CA ALA A 25 1.56 12.89 -7.43
C ALA A 25 1.67 14.38 -7.20
N ARG A 26 0.75 15.14 -7.78
CA ARG A 26 0.71 16.58 -7.63
C ARG A 26 0.02 16.95 -6.29
N ILE A 27 -0.64 15.96 -5.69
CA ILE A 27 -1.34 16.18 -4.41
C ILE A 27 -1.47 14.88 -3.67
N ALA A 28 -1.46 14.94 -2.34
CA ALA A 28 -1.74 13.74 -1.56
C ALA A 28 -3.09 13.99 -0.88
N LEU A 29 -4.03 13.05 -1.01
CA LEU A 29 -5.30 13.17 -0.34
C LEU A 29 -5.38 12.17 0.81
N SER A 30 -5.62 12.70 2.01
CA SER A 30 -5.89 11.90 3.17
C SER A 30 -7.36 12.01 3.60
N PHE A 31 -8.18 11.02 3.20
CA PHE A 31 -9.53 10.92 3.76
C PHE A 31 -9.48 10.30 5.13
N VAL A 32 -10.15 10.95 6.07
CA VAL A 32 -10.13 10.52 7.47
C VAL A 32 -11.56 10.31 7.93
N LEU A 33 -11.81 9.18 8.58
CA LEU A 33 -13.13 8.87 9.16
C LEU A 33 -12.99 8.77 10.67
N ASN A 34 -13.60 9.72 11.36
CA ASN A 34 -13.64 9.67 12.83
C ASN A 34 -14.58 8.61 13.35
N TYR A 35 -14.16 7.89 14.38
CA TYR A 35 -15.11 6.96 14.99
C TYR A 35 -15.19 7.26 16.48
N GLU A 36 -16.22 8.03 16.85
CA GLU A 36 -16.35 8.63 18.17
C GLU A 36 -17.60 8.14 18.89
N GLU A 37 -18.54 7.59 18.12
CA GLU A 37 -19.86 7.21 18.61
C GLU A 37 -19.72 6.10 19.63
N GLY A 38 -20.16 6.39 20.85
CA GLY A 38 -20.05 5.45 21.95
C GLY A 38 -19.02 5.91 22.94
N GLY A 39 -18.26 6.93 22.57
CA GLY A 39 -17.17 7.46 23.41
C GLY A 39 -17.37 8.89 23.84
N GLU A 40 -18.44 9.53 23.34
CA GLU A 40 -18.72 10.94 23.59
C GLU A 40 -19.19 11.21 25.02
N ARG A 41 -19.43 12.47 25.31
CA ARG A 41 -19.92 12.83 26.63
C ARG A 41 -21.26 12.14 26.98
N ASN A 42 -21.32 11.59 28.20
CA ASN A 42 -22.52 10.89 28.70
C ASN A 42 -22.35 10.61 30.18
N ILE A 43 -23.37 10.84 30.98
CA ILE A 43 -23.26 10.42 32.38
C ILE A 43 -23.06 8.90 32.48
N LEU A 44 -23.61 8.15 31.53
CA LEU A 44 -23.36 6.71 31.47
C LEU A 44 -21.87 6.38 31.44
N HIS A 45 -21.07 7.29 30.90
CA HIS A 45 -19.64 7.01 30.73
C HIS A 45 -18.86 7.57 31.89
N GLY A 46 -19.58 8.12 32.87
CA GLY A 46 -18.97 8.72 34.03
C GLY A 46 -18.73 10.21 33.88
N ASP A 47 -19.26 10.82 32.82
CA ASP A 47 -19.12 12.27 32.64
C ASP A 47 -20.15 13.04 33.48
N LYS A 48 -19.90 14.32 33.70
CA LYS A 48 -20.79 15.14 34.56
C LYS A 48 -22.00 15.69 33.78
N GLU A 49 -21.99 15.49 32.46
CA GLU A 49 -22.96 16.13 31.59
C GLU A 49 -23.08 15.38 30.27
N SER A 50 -24.17 15.70 29.56
CA SER A 50 -24.40 15.15 28.23
C SER A 50 -23.57 15.85 27.15
N GLU A 51 -23.51 15.21 25.99
CA GLU A 51 -22.83 15.72 24.79
C GLU A 51 -23.64 16.84 24.09
N ALA A 52 -22.92 17.82 23.55
CA ALA A 52 -23.54 18.85 22.75
C ALA A 52 -22.82 19.17 21.41
N PHE A 53 -21.59 18.70 21.24
CA PHE A 53 -20.74 19.03 20.09
C PHE A 53 -21.11 18.15 18.91
N LEU A 54 -21.19 18.77 17.72
CA LEU A 54 -21.35 18.04 16.45
C LEU A 54 -22.54 17.09 16.35
N SER A 55 -23.75 17.65 16.25
CA SER A 55 -24.95 16.89 15.90
C SER A 55 -25.93 17.83 15.21
N GLU A 56 -27.06 17.28 14.77
CA GLU A 56 -28.12 18.03 14.12
C GLU A 56 -28.71 19.07 15.07
N MET A 57 -28.56 18.83 16.37
CA MET A 57 -29.05 19.77 17.37
C MET A 57 -28.07 20.89 17.54
N VAL A 58 -28.06 21.74 16.52
CA VAL A 58 -27.07 22.76 16.28
C VAL A 58 -26.89 23.71 17.46
N SER A 59 -27.95 23.95 18.21
CA SER A 59 -27.84 24.85 19.36
C SER A 59 -27.86 24.16 20.73
N ALA A 60 -27.58 22.87 20.77
CA ALA A 60 -27.53 22.13 22.03
C ALA A 60 -26.50 22.66 23.04
N GLN A 61 -26.85 22.53 24.32
CA GLN A 61 -25.93 22.78 25.44
C GLN A 61 -25.81 21.50 26.25
N PRO A 62 -24.64 21.31 26.88
CA PRO A 62 -24.48 20.11 27.73
C PRO A 62 -25.47 20.16 28.90
N LEU A 63 -26.02 19.01 29.28
CA LEU A 63 -26.98 18.97 30.39
C LEU A 63 -26.31 18.32 31.57
N GLN A 64 -26.20 19.05 32.69
CA GLN A 64 -25.48 18.53 33.86
C GLN A 64 -26.28 17.43 34.56
N GLY A 65 -25.61 16.34 34.88
CA GLY A 65 -26.25 15.18 35.52
C GLY A 65 -27.43 14.59 34.77
N GLU A 66 -27.55 14.89 33.48
CA GLU A 66 -28.69 14.41 32.69
C GLU A 66 -28.25 13.62 31.47
N ARG A 67 -29.17 12.79 30.96
CA ARG A 67 -29.06 12.19 29.63
C ARG A 67 -29.90 12.97 28.64
N ASN A 68 -29.31 13.25 27.49
CA ASN A 68 -30.00 13.92 26.43
C ASN A 68 -30.33 12.83 25.44
N MET A 69 -31.57 12.36 25.46
CA MET A 69 -31.91 11.21 24.63
C MET A 69 -31.75 11.49 23.13
N SER A 70 -32.25 12.63 22.64
CA SER A 70 -32.13 12.96 21.22
CA SER A 70 -32.14 12.92 21.22
C SER A 70 -30.68 12.95 20.79
N MET A 71 -29.83 13.61 21.58
CA MET A 71 -28.39 13.68 21.31
C MET A 71 -27.79 12.28 21.21
N GLU A 72 -28.15 11.42 22.14
CA GLU A 72 -27.70 10.04 22.09
C GLU A 72 -28.10 9.35 20.80
N SER A 73 -29.36 9.52 20.42
CA SER A 73 -29.95 8.90 19.23
C SER A 73 -29.30 9.39 17.94
N LEU A 74 -28.98 10.67 17.90
CA LEU A 74 -28.25 11.21 16.75
C LEU A 74 -26.85 10.58 16.65
N TYR A 75 -26.22 10.34 17.80
CA TYR A 75 -24.95 9.62 17.78
C TYR A 75 -25.08 8.15 17.33
N GLU A 76 -26.13 7.49 17.78
CA GLU A 76 -26.42 6.12 17.37
C GLU A 76 -26.63 6.01 15.86
N TYR A 77 -27.15 7.04 15.21
CA TYR A 77 -27.18 7.01 13.75
C TYR A 77 -25.79 6.74 13.18
N GLY A 78 -24.77 7.34 13.78
CA GLY A 78 -23.40 7.21 13.26
C GLY A 78 -22.91 5.76 13.30
N SER A 79 -23.14 5.10 14.42
CA SER A 79 -22.60 3.75 14.60
C SER A 79 -23.52 2.65 14.01
N ARG A 80 -24.84 2.92 14.01
CA ARG A 80 -25.82 1.94 13.47
C ARG A 80 -25.86 1.91 11.95
N ALA A 81 -25.95 3.11 11.35
CA ALA A 81 -26.21 3.25 9.90
C ALA A 81 -25.14 4.01 9.10
N GLY A 82 -24.65 5.12 9.64
CA GLY A 82 -23.73 5.96 8.85
C GLY A 82 -22.45 5.23 8.49
N VAL A 83 -21.89 4.54 9.48
CA VAL A 83 -20.55 3.95 9.31
C VAL A 83 -20.50 2.98 8.12
N TRP A 84 -21.48 2.08 8.01
CA TRP A 84 -21.48 1.11 6.93
C TRP A 84 -21.61 1.73 5.54
N ARG A 85 -22.46 2.74 5.44
CA ARG A 85 -22.68 3.40 4.15
C ARG A 85 -21.40 4.10 3.67
N ILE A 86 -20.69 4.71 4.60
CA ILE A 86 -19.43 5.41 4.31
C ILE A 86 -18.31 4.43 3.91
N LEU A 87 -18.23 3.34 4.65
CA LEU A 87 -17.23 2.33 4.40
C LEU A 87 -17.46 1.70 3.02
N LYS A 88 -18.72 1.51 2.65
CA LYS A 88 -19.04 1.00 1.34
C LYS A 88 -18.62 1.97 0.26
N LEU A 89 -18.72 3.28 0.55
CA LEU A 89 -18.43 4.26 -0.49
C LEU A 89 -16.94 4.22 -0.77
N PHE A 90 -16.14 4.22 0.29
CA PHE A 90 -14.68 4.17 0.12
C PHE A 90 -14.24 2.84 -0.53
N LYS A 91 -14.89 1.74 -0.18
CA LYS A 91 -14.57 0.46 -0.79
C LYS A 91 -14.87 0.50 -2.29
N ALA A 92 -15.95 1.18 -2.65
CA ALA A 92 -16.36 1.25 -4.07
C ALA A 92 -15.37 1.99 -4.95
N PHE A 93 -14.63 2.95 -4.39
CA PHE A 93 -13.68 3.68 -5.23
C PHE A 93 -12.26 3.24 -4.95
N ASP A 94 -12.14 2.20 -4.13
CA ASP A 94 -10.84 1.65 -3.73
C ASP A 94 -9.94 2.68 -3.07
N ILE A 95 -10.52 3.55 -2.24
CA ILE A 95 -9.75 4.54 -1.51
C ILE A 95 -9.58 4.12 -0.04
N PRO A 96 -8.33 4.11 0.44
CA PRO A 96 -8.07 3.70 1.82
C PRO A 96 -8.37 4.84 2.80
N LEU A 97 -8.72 4.46 4.02
CA LEU A 97 -8.99 5.42 5.12
C LEU A 97 -7.95 5.30 6.23
N THR A 98 -7.75 6.43 6.89
CA THR A 98 -7.26 6.50 8.24
C THR A 98 -8.45 6.73 9.18
N ILE A 99 -8.55 5.84 10.09
CA ILE A 99 -9.69 5.91 11.00
C ILE A 99 -9.33 6.67 12.28
N PHE A 100 -9.84 7.70 12.73
CA PHE A 100 -9.53 8.37 13.97
C PHE A 100 -10.47 7.72 15.02
N ALA A 101 -10.01 6.59 15.58
CA ALA A 101 -10.87 5.76 16.43
C ALA A 101 -10.69 6.05 17.91
N VAL A 102 -11.79 6.42 18.55
CA VAL A 102 -11.78 6.70 19.99
C VAL A 102 -11.87 5.34 20.65
N ALA A 103 -11.01 5.11 21.63
CA ALA A 103 -10.85 3.76 22.18
C ALA A 103 -12.13 3.25 22.85
N MET A 104 -12.75 4.09 23.67
CA MET A 104 -14.06 3.69 24.23
C MET A 104 -15.17 3.42 23.18
N ALA A 105 -15.21 4.21 22.12
CA ALA A 105 -16.16 3.93 21.04
C ALA A 105 -15.89 2.58 20.38
N ALA A 106 -14.61 2.27 20.17
CA ALA A 106 -14.20 1.02 19.54
C ALA A 106 -14.53 -0.17 20.44
N GLN A 107 -14.36 0.01 21.75
CA GLN A 107 -14.72 -1.05 22.71
C GLN A 107 -16.21 -1.39 22.63
N ARG A 108 -17.03 -0.39 22.36
CA ARG A 108 -18.45 -0.63 22.29
C ARG A 108 -18.92 -1.24 20.98
N HIS A 109 -18.10 -1.11 19.94
CA HIS A 109 -18.41 -1.72 18.66
C HIS A 109 -17.21 -2.38 17.99
N PRO A 110 -16.75 -3.49 18.57
CA PRO A 110 -15.55 -4.17 18.08
C PRO A 110 -15.72 -4.74 16.68
N ASP A 111 -16.95 -5.13 16.31
CA ASP A 111 -17.16 -5.75 15.01
C ASP A 111 -16.88 -4.79 13.85
N VAL A 112 -17.26 -3.53 13.99
CA VAL A 112 -17.03 -2.55 12.94
C VAL A 112 -15.54 -2.22 12.84
N ILE A 113 -14.86 -2.18 13.99
CA ILE A 113 -13.41 -1.93 14.04
C ILE A 113 -12.70 -3.09 13.33
N ARG A 114 -13.08 -4.32 13.65
CA ARG A 114 -12.53 -5.49 12.98
C ARG A 114 -12.78 -5.42 11.48
N ALA A 115 -14.00 -5.06 11.09
CA ALA A 115 -14.30 -4.85 9.66
C ALA A 115 -13.35 -3.85 9.00
N MET A 116 -13.15 -2.72 9.67
CA MET A 116 -12.28 -1.67 9.12
C MET A 116 -10.86 -2.18 8.91
N VAL A 117 -10.34 -2.90 9.90
CA VAL A 117 -9.00 -3.45 9.79
C VAL A 117 -8.92 -4.47 8.66
N ALA A 118 -9.93 -5.33 8.55
CA ALA A 118 -9.94 -6.31 7.48
C ALA A 118 -10.01 -5.64 6.12
N ALA A 119 -10.58 -4.42 6.08
CA ALA A 119 -10.67 -3.65 4.84
C ALA A 119 -9.32 -3.00 4.46
N GLY A 120 -8.41 -2.97 5.42
CA GLY A 120 -7.06 -2.44 5.19
C GLY A 120 -6.90 -1.00 5.60
N HIS A 121 -7.90 -0.45 6.30
CA HIS A 121 -7.84 0.90 6.82
C HIS A 121 -6.96 0.95 8.05
N GLU A 122 -6.27 2.07 8.21
CA GLU A 122 -5.38 2.28 9.32
C GLU A 122 -6.19 2.72 10.52
N ILE A 123 -5.95 2.07 11.66
CA ILE A 123 -6.58 2.54 12.88
C ILE A 123 -5.64 3.48 13.64
N CYS A 124 -5.96 4.77 13.60
CA CYS A 124 -5.19 5.80 14.32
C CYS A 124 -5.90 6.10 15.64
N SER A 125 -5.14 6.33 16.70
CA SER A 125 -5.72 6.69 18.00
C SER A 125 -6.29 8.10 18.07
N HIS A 126 -7.55 8.18 18.49
CA HIS A 126 -8.28 9.45 18.65
C HIS A 126 -8.57 9.64 20.15
N GLY A 127 -7.77 8.97 20.99
CA GLY A 127 -7.89 9.19 22.42
C GLY A 127 -8.75 8.12 23.08
N TYR A 128 -8.68 8.04 24.41
CA TYR A 128 -9.47 7.10 25.19
C TYR A 128 -10.96 7.45 25.18
N ARG A 129 -11.23 8.73 25.41
CA ARG A 129 -12.58 9.29 25.42
C ARG A 129 -12.70 10.47 24.41
N TRP A 130 -13.91 10.73 23.93
CA TRP A 130 -14.13 11.93 23.11
C TRP A 130 -14.61 13.09 23.97
N ILE A 131 -13.66 13.78 24.58
CA ILE A 131 -13.94 14.86 25.51
C ILE A 131 -12.83 15.90 25.38
N ASP A 132 -13.04 17.03 26.05
CA ASP A 132 -12.08 18.12 26.05
C ASP A 132 -10.99 17.90 27.09
N TYR A 133 -9.74 17.89 26.63
CA TYR A 133 -8.60 17.62 27.51
C TYR A 133 -8.00 18.93 28.04
N GLN A 134 -8.54 20.06 27.59
CA GLN A 134 -8.03 21.39 27.96
C GLN A 134 -7.60 21.49 29.42
N TYR A 135 -8.48 21.06 30.31
CA TYR A 135 -8.26 21.28 31.74
C TYR A 135 -7.81 20.04 32.54
N MET A 136 -7.63 18.90 31.88
CA MET A 136 -7.30 17.69 32.63
C MET A 136 -5.88 17.73 33.16
N ASP A 137 -5.70 17.28 34.40
CA ASP A 137 -4.37 17.09 34.98
C ASP A 137 -3.50 16.17 34.13
N GLU A 138 -2.20 16.43 34.15
CA GLU A 138 -1.27 15.72 33.28
C GLU A 138 -1.31 14.23 33.59
N ALA A 139 -1.37 13.89 34.88
CA ALA A 139 -1.40 12.51 35.33
C ALA A 139 -2.53 11.73 34.71
N GLN A 140 -3.75 12.28 34.76
CA GLN A 140 -4.91 11.59 34.19
C GLN A 140 -4.90 11.51 32.65
N GLU A 141 -4.44 12.57 31.97
CA GLU A 141 -4.37 12.56 30.50
C GLU A 141 -3.37 11.52 30.01
N ARG A 142 -2.20 11.47 30.65
CA ARG A 142 -1.26 10.40 30.38
C ARG A 142 -1.85 9.02 30.58
N GLU A 143 -2.59 8.84 31.66
CA GLU A 143 -3.26 7.55 31.93
C GLU A 143 -4.31 7.17 30.90
N HIS A 144 -5.11 8.14 30.46
CA HIS A 144 -6.04 7.93 29.36
C HIS A 144 -5.27 7.50 28.14
N MET A 145 -4.14 8.18 27.87
CA MET A 145 -3.39 7.88 26.66
C MET A 145 -2.87 6.45 26.63
N LEU A 146 -2.19 6.04 27.69
CA LEU A 146 -1.66 4.68 27.75
C LEU A 146 -2.79 3.66 27.65
N GLU A 147 -3.95 3.99 28.20
CA GLU A 147 -5.13 3.12 28.10
C GLU A 147 -5.67 3.05 26.68
N ALA A 148 -5.79 4.19 26.02
CA ALA A 148 -6.23 4.15 24.62
C ALA A 148 -5.34 3.21 23.79
N ILE A 149 -4.02 3.29 24.03
CA ILE A 149 -3.08 2.41 23.36
C ILE A 149 -3.37 0.95 23.66
N ARG A 150 -3.55 0.61 24.94
CA ARG A 150 -3.82 -0.76 25.33
C ARG A 150 -5.06 -1.29 24.61
N ILE A 151 -6.15 -0.55 24.70
CA ILE A 151 -7.41 -0.96 24.08
C ILE A 151 -7.29 -1.23 22.58
N LEU A 152 -6.70 -0.28 21.85
CA LEU A 152 -6.65 -0.42 20.38
C LEU A 152 -5.72 -1.56 19.93
N THR A 153 -4.65 -1.79 20.66
CA THR A 153 -3.75 -2.88 20.34
C THR A 153 -4.46 -4.22 20.44
N GLU A 154 -5.20 -4.41 21.53
CA GLU A 154 -5.96 -5.65 21.72
C GLU A 154 -7.05 -5.79 20.66
N LEU A 155 -7.79 -4.70 20.48
CA LEU A 155 -8.86 -4.65 19.50
C LEU A 155 -8.33 -4.95 18.11
N THR A 156 -7.24 -4.28 17.74
CA THR A 156 -6.74 -4.33 16.39
C THR A 156 -5.71 -5.44 16.15
N GLY A 157 -4.93 -5.76 17.19
CA GLY A 157 -3.83 -6.72 17.03
C GLY A 157 -2.53 -6.03 16.67
N GLU A 158 -2.56 -4.73 16.49
CA GLU A 158 -1.42 -3.85 16.28
C GLU A 158 -1.59 -2.54 17.01
N ARG A 159 -0.60 -2.09 17.77
CA ARG A 159 -0.68 -0.78 18.43
C ARG A 159 -0.83 0.36 17.43
N PRO A 160 -1.51 1.45 17.82
CA PRO A 160 -1.64 2.66 16.99
C PRO A 160 -0.32 3.37 16.80
N LEU A 161 -0.05 3.83 15.57
CA LEU A 161 1.21 4.53 15.28
C LEU A 161 1.00 6.03 15.13
N GLY A 162 -0.25 6.48 14.96
CA GLY A 162 -0.55 7.91 15.05
C GLY A 162 -1.51 8.25 16.19
N TRP A 163 -1.55 9.53 16.55
CA TRP A 163 -2.48 10.05 17.57
C TRP A 163 -3.24 11.29 17.11
N TYR A 164 -4.47 11.45 17.56
CA TYR A 164 -5.15 12.75 17.40
C TYR A 164 -6.23 12.87 18.44
N THR A 165 -6.08 13.85 19.29
CA THR A 165 -7.09 14.10 20.30
C THR A 165 -8.17 15.01 19.78
N GLY A 166 -7.76 16.12 19.16
CA GLY A 166 -8.70 17.16 18.72
C GLY A 166 -8.77 18.28 19.75
N ARG A 167 -9.60 18.11 20.76
CA ARG A 167 -9.73 19.12 21.79
C ARG A 167 -8.64 18.95 22.89
N THR A 168 -7.41 19.26 22.48
CA THR A 168 -6.23 19.02 23.29
C THR A 168 -6.05 20.10 24.36
N GLY A 169 -5.23 19.79 25.36
CA GLY A 169 -4.85 20.79 26.36
C GLY A 169 -3.39 21.12 26.16
N PRO A 170 -2.84 21.95 27.04
CA PRO A 170 -1.44 22.37 26.94
C PRO A 170 -0.40 21.24 27.01
N ASN A 171 -0.79 20.04 27.45
CA ASN A 171 0.17 18.93 27.60
C ASN A 171 -0.04 17.76 26.62
N THR A 172 -1.18 17.75 25.96
CA THR A 172 -1.54 16.64 25.06
C THR A 172 -0.41 16.18 24.13
N ARG A 173 0.07 17.08 23.28
CA ARG A 173 1.07 16.74 22.28
C ARG A 173 2.41 16.37 22.93
N ARG A 174 2.77 17.05 24.02
CA ARG A 174 4.01 16.66 24.70
C ARG A 174 3.96 15.23 25.21
N LEU A 175 2.84 14.86 25.84
CA LEU A 175 2.65 13.49 26.35
C LEU A 175 2.69 12.43 25.21
N VAL A 176 2.02 12.71 24.09
CA VAL A 176 2.14 11.85 22.91
C VAL A 176 3.60 11.59 22.51
N MET A 177 4.43 12.62 22.44
CA MET A 177 5.79 12.40 21.93
C MET A 177 6.65 11.73 23.00
N GLU A 178 6.31 11.96 24.26
CA GLU A 178 7.03 11.35 25.37
C GLU A 178 6.77 9.87 25.50
N GLU A 179 5.61 9.43 25.02
CA GLU A 179 5.24 8.00 25.11
C GLU A 179 6.22 7.12 24.34
N GLY A 180 6.68 7.60 23.18
CA GLY A 180 7.73 6.91 22.45
C GLY A 180 7.36 6.12 21.20
N GLY A 181 6.16 5.55 21.14
CA GLY A 181 5.84 4.55 20.14
C GLY A 181 5.05 5.04 18.93
N PHE A 182 4.63 6.31 19.00
CA PHE A 182 3.96 6.94 17.85
C PHE A 182 4.96 7.33 16.76
N LEU A 183 4.55 7.11 15.51
CA LEU A 183 5.28 7.63 14.37
C LEU A 183 4.90 9.11 14.15
N TYR A 184 3.62 9.44 14.36
CA TYR A 184 3.17 10.82 14.08
C TYR A 184 2.02 11.29 14.98
N ASP A 185 1.75 12.59 14.96
CA ASP A 185 0.48 13.10 15.49
C ASP A 185 -0.16 14.07 14.52
N CYS A 186 -1.43 14.40 14.78
CA CYS A 186 -2.21 15.23 13.86
C CYS A 186 -2.88 16.39 14.56
N ASP A 187 -2.46 16.63 15.80
CA ASP A 187 -3.04 17.69 16.64
C ASP A 187 -2.52 19.11 16.31
N THR A 188 -2.46 19.43 15.00
CA THR A 188 -2.16 20.79 14.50
C THR A 188 -3.00 21.07 13.25
N TYR A 189 -3.11 22.35 12.89
CA TYR A 189 -3.85 22.82 11.72
C TYR A 189 -3.00 23.94 11.13
N ASP A 190 -1.67 23.72 11.14
CA ASP A 190 -0.69 24.78 10.88
C ASP A 190 0.07 24.74 9.52
N ASP A 191 -0.14 23.70 8.73
CA ASP A 191 0.56 23.64 7.45
C ASP A 191 -0.15 22.80 6.40
N ASP A 192 0.40 22.79 5.19
CA ASP A 192 -0.08 21.99 4.08
C ASP A 192 0.81 20.80 3.83
N LEU A 193 1.82 20.64 4.68
CA LEU A 193 2.79 19.55 4.54
C LEU A 193 3.16 19.00 5.90
N PRO A 194 3.56 17.72 5.94
CA PRO A 194 4.13 17.17 7.16
C PRO A 194 5.42 17.90 7.51
N TYR A 195 5.81 17.86 8.79
CA TYR A 195 7.11 18.36 9.21
C TYR A 195 7.58 17.63 10.48
N TRP A 196 8.88 17.62 10.74
CA TRP A 196 9.35 17.03 11.99
C TRP A 196 9.13 18.02 13.13
N GLU A 197 8.49 17.55 14.19
CA GLU A 197 8.35 18.33 15.39
C GLU A 197 9.72 18.90 15.79
N PRO A 198 9.82 20.23 15.87
CA PRO A 198 11.05 20.93 16.26
C PRO A 198 11.30 20.93 17.78
N ASN A 199 10.29 20.57 18.57
CA ASN A 199 10.45 20.61 20.01
C ASN A 199 10.15 19.33 20.79
N ASN A 200 10.53 18.19 20.23
CA ASN A 200 10.37 16.91 20.90
C ASN A 200 11.41 16.76 22.03
N PRO A 201 10.96 16.75 23.30
CA PRO A 201 11.92 16.55 24.39
C PRO A 201 12.66 15.23 24.23
N THR A 202 11.91 14.20 23.85
CA THR A 202 12.45 12.89 23.50
C THR A 202 13.66 12.98 22.57
N GLY A 203 13.63 13.90 21.61
CA GLY A 203 14.72 14.02 20.67
C GLY A 203 14.68 12.98 19.56
N LYS A 204 13.75 12.03 19.66
CA LYS A 204 13.55 11.04 18.60
C LYS A 204 12.83 11.77 17.44
N PRO A 205 12.93 11.26 16.21
CA PRO A 205 12.09 11.90 15.19
C PRO A 205 10.59 11.72 15.48
N HIS A 206 9.86 12.83 15.51
CA HIS A 206 8.39 12.77 15.61
C HIS A 206 7.75 13.57 14.49
N LEU A 207 6.93 12.92 13.67
CA LEU A 207 6.34 13.58 12.52
C LEU A 207 5.00 14.19 12.86
N VAL A 208 4.81 15.45 12.43
CA VAL A 208 3.53 16.11 12.56
C VAL A 208 2.84 16.10 11.21
N ILE A 209 1.64 15.54 11.16
CA ILE A 209 0.88 15.57 9.92
C ILE A 209 -0.38 16.41 10.17
N PRO A 210 -0.33 17.73 9.85
CA PRO A 210 -1.42 18.61 10.21
C PRO A 210 -2.79 18.14 9.68
N TYR A 211 -3.82 18.36 10.49
CA TYR A 211 -5.21 17.99 10.17
C TYR A 211 -5.96 19.28 9.76
N THR A 212 -7.28 19.28 9.88
CA THR A 212 -8.11 20.35 9.33
C THR A 212 -9.41 20.51 10.11
N LEU A 213 -9.88 21.76 10.17
CA LEU A 213 -11.21 22.08 10.66
C LEU A 213 -12.05 22.74 9.56
N ASP A 214 -11.50 22.89 8.36
CA ASP A 214 -12.24 23.60 7.28
C ASP A 214 -12.71 22.66 6.18
N THR A 215 -11.84 21.78 5.66
CA THR A 215 -12.31 20.74 4.75
C THR A 215 -12.77 19.54 5.59
N ASN A 216 -13.83 19.77 6.37
CA ASN A 216 -14.23 18.84 7.42
C ASN A 216 -15.74 18.92 7.53
N ASP A 217 -16.40 17.77 7.38
CA ASP A 217 -17.86 17.69 7.50
C ASP A 217 -18.43 18.17 8.85
N MET A 218 -17.58 18.47 9.85
CA MET A 218 -18.11 19.04 11.10
C MET A 218 -18.82 20.38 10.88
N ARG A 219 -18.45 21.08 9.81
CA ARG A 219 -19.04 22.37 9.50
CA ARG A 219 -19.02 22.38 9.51
C ARG A 219 -20.49 22.27 9.06
N PHE A 220 -20.95 21.06 8.75
CA PHE A 220 -22.37 20.87 8.45
C PHE A 220 -23.23 21.14 9.69
N THR A 221 -22.64 21.07 10.87
CA THR A 221 -23.44 21.23 12.10
C THR A 221 -22.91 22.31 13.02
N GLN A 222 -22.08 23.20 12.49
CA GLN A 222 -21.57 24.30 13.28
C GLN A 222 -22.26 25.59 12.90
N VAL A 223 -22.11 26.63 13.71
CA VAL A 223 -22.83 27.90 13.47
C VAL A 223 -22.53 28.47 12.09
N GLN A 224 -21.26 28.51 11.75
CA GLN A 224 -20.89 28.86 10.40
C GLN A 224 -20.58 27.56 9.70
N GLY A 225 -21.36 27.29 8.65
CA GLY A 225 -21.24 26.03 7.92
C GLY A 225 -22.27 25.67 6.86
N PHE A 226 -21.80 24.78 5.99
CA PHE A 226 -22.47 24.35 4.75
C PHE A 226 -23.97 24.09 4.96
N ASN A 227 -24.82 24.69 4.10
CA ASN A 227 -26.29 24.51 4.11
C ASN A 227 -26.66 23.17 3.44
N LYS A 228 -26.02 22.92 2.30
CA LYS A 228 -26.33 21.76 1.49
C LYS A 228 -25.03 21.01 1.15
N GLY A 229 -25.15 19.75 0.76
CA GLY A 229 -23.97 18.99 0.33
C GLY A 229 -23.06 19.68 -0.69
N ASP A 230 -23.63 20.27 -1.74
CA ASP A 230 -22.84 20.95 -2.80
C ASP A 230 -21.93 22.04 -2.26
N ASP A 231 -22.29 22.62 -1.12
CA ASP A 231 -21.40 23.60 -0.50
C ASP A 231 -20.09 22.94 -0.04
N PHE A 232 -20.18 21.72 0.47
CA PHE A 232 -18.99 21.00 0.96
C PHE A 232 -18.23 20.49 -0.26
N PHE A 233 -18.95 20.06 -1.30
CA PHE A 233 -18.32 19.65 -2.55
C PHE A 233 -17.51 20.79 -3.20
N GLU A 234 -18.11 21.98 -3.31
CA GLU A 234 -17.42 23.13 -3.91
C GLU A 234 -16.25 23.58 -3.04
N TYR A 235 -16.43 23.55 -1.73
CA TYR A 235 -15.34 23.85 -0.79
C TYR A 235 -14.18 22.88 -1.01
N LEU A 236 -14.48 21.58 -1.09
CA LEU A 236 -13.42 20.57 -1.26
C LEU A 236 -12.78 20.74 -2.61
N LYS A 237 -13.63 20.92 -3.61
CA LYS A 237 -13.16 21.11 -4.99
C LYS A 237 -12.20 22.29 -5.15
N ASP A 238 -12.55 23.43 -4.60
CA ASP A 238 -11.66 24.59 -4.58
C ASP A 238 -10.30 24.34 -3.91
N ALA A 239 -10.32 23.70 -2.74
CA ALA A 239 -9.10 23.31 -2.03
C ALA A 239 -8.17 22.45 -2.90
N PHE A 240 -8.78 21.48 -3.60
CA PHE A 240 -8.10 20.57 -4.53
C PHE A 240 -7.47 21.33 -5.68
N ASP A 241 -8.29 22.15 -6.34
CA ASP A 241 -7.88 22.92 -7.53
C ASP A 241 -6.64 23.78 -7.28
N VAL A 242 -6.65 24.54 -6.18
CA VAL A 242 -5.53 25.39 -5.84
C VAL A 242 -4.27 24.56 -5.50
N LEU A 243 -4.45 23.53 -4.69
CA LEU A 243 -3.32 22.68 -4.29
C LEU A 243 -2.72 21.90 -5.45
N TYR A 244 -3.59 21.37 -6.32
CA TYR A 244 -3.21 20.59 -7.50
C TYR A 244 -2.43 21.48 -8.48
N ALA A 245 -2.90 22.72 -8.62
CA ALA A 245 -2.22 23.71 -9.44
C ALA A 245 -0.86 24.02 -8.84
N GLU A 246 -0.79 24.18 -7.52
CA GLU A 246 0.51 24.41 -6.90
C GLU A 246 1.41 23.20 -7.12
N GLY A 247 0.80 22.02 -7.26
CA GLY A 247 1.53 20.77 -7.27
C GLY A 247 2.31 20.54 -8.55
N ALA A 248 2.10 21.39 -9.54
CA ALA A 248 2.86 21.32 -10.78
C ALA A 248 4.37 21.49 -10.52
N GLU A 249 4.70 22.28 -9.49
CA GLU A 249 6.09 22.49 -9.04
C GLU A 249 6.28 22.13 -7.57
N ALA A 250 5.25 22.34 -6.75
CA ALA A 250 5.38 22.18 -5.32
C ALA A 250 4.21 21.41 -4.71
N PRO A 251 4.21 20.08 -4.81
CA PRO A 251 3.06 19.30 -4.27
C PRO A 251 2.88 19.39 -2.77
N LYS A 252 1.63 19.31 -2.34
CA LYS A 252 1.27 19.39 -0.93
C LYS A 252 0.24 18.29 -0.65
N MET A 253 -0.38 18.37 0.53
CA MET A 253 -1.43 17.42 0.91
C MET A 253 -2.67 18.18 1.37
N LEU A 254 -3.78 17.44 1.45
CA LEU A 254 -5.09 17.94 1.87
C LEU A 254 -5.75 16.83 2.66
N SER A 255 -6.19 17.15 3.88
CA SER A 255 -7.02 16.23 4.63
C SER A 255 -8.51 16.50 4.43
N ILE A 256 -9.29 15.43 4.49
CA ILE A 256 -10.74 15.57 4.45
C ILE A 256 -11.29 14.86 5.69
N GLY A 257 -11.74 15.64 6.68
CA GLY A 257 -12.32 15.06 7.89
C GLY A 257 -13.79 14.67 7.76
N LEU A 258 -14.13 13.49 8.28
CA LEU A 258 -15.51 12.95 8.16
C LEU A 258 -15.95 12.29 9.47
N HIS A 259 -17.26 12.35 9.72
CA HIS A 259 -17.83 11.79 10.94
C HIS A 259 -19.01 10.91 10.54
N CYS A 260 -19.07 9.72 11.13
CA CYS A 260 -20.11 8.74 10.79
C CYS A 260 -21.53 9.28 10.90
N ARG A 261 -21.82 9.99 12.00
CA ARG A 261 -23.15 10.51 12.29
C ARG A 261 -23.47 11.72 11.45
N LEU A 262 -22.49 12.24 10.69
CA LEU A 262 -22.69 13.46 9.87
C LEU A 262 -22.73 13.12 8.38
N ILE A 263 -21.59 12.75 7.78
CA ILE A 263 -21.58 12.48 6.34
C ILE A 263 -22.29 11.14 6.06
N GLY A 264 -22.51 10.35 7.12
CA GLY A 264 -23.30 9.11 7.05
C GLY A 264 -24.73 9.30 6.58
N ARG A 265 -25.31 10.48 6.84
CA ARG A 265 -26.66 10.79 6.34
C ARG A 265 -26.59 10.87 4.81
N PRO A 266 -27.57 10.27 4.12
CA PRO A 266 -27.64 10.26 2.65
C PRO A 266 -27.57 11.63 2.04
N ALA A 267 -28.32 12.59 2.59
CA ALA A 267 -28.25 13.96 2.14
C ALA A 267 -26.82 14.50 2.03
N ARG A 268 -25.90 14.01 2.86
CA ARG A 268 -24.54 14.55 2.87
C ARG A 268 -23.55 13.67 2.10
N LEU A 269 -23.77 12.37 2.15
CA LEU A 269 -22.93 11.42 1.41
C LEU A 269 -22.79 11.74 -0.09
N ALA A 270 -23.89 12.17 -0.72
CA ALA A 270 -23.89 12.48 -2.16
C ALA A 270 -22.73 13.40 -2.54
N ALA A 271 -22.55 14.45 -1.76
CA ALA A 271 -21.51 15.42 -2.06
C ALA A 271 -20.10 14.83 -1.87
N LEU A 272 -19.93 13.97 -0.86
CA LEU A 272 -18.64 13.30 -0.66
C LEU A 272 -18.32 12.42 -1.87
N GLN A 273 -19.32 11.70 -2.37
CA GLN A 273 -19.15 10.84 -3.53
C GLN A 273 -18.80 11.70 -4.74
N ARG A 274 -19.47 12.85 -4.87
CA ARG A 274 -19.13 13.76 -5.96
C ARG A 274 -17.67 14.25 -5.88
N PHE A 275 -17.20 14.59 -4.69
CA PHE A 275 -15.82 15.01 -4.58
C PHE A 275 -14.85 13.89 -4.94
N ILE A 276 -15.09 12.69 -4.41
CA ILE A 276 -14.31 11.51 -4.78
C ILE A 276 -14.24 11.28 -6.31
N GLU A 277 -15.37 11.42 -7.00
CA GLU A 277 -15.38 11.23 -8.46
C GLU A 277 -14.56 12.32 -9.14
N TYR A 278 -14.70 13.56 -8.66
CA TYR A 278 -13.89 14.67 -9.13
C TYR A 278 -12.38 14.38 -8.94
N ALA A 279 -11.98 14.14 -7.69
CA ALA A 279 -10.60 13.77 -7.42
C ALA A 279 -10.09 12.61 -8.31
N LYS A 280 -10.84 11.52 -8.38
CA LYS A 280 -10.46 10.36 -9.19
C LYS A 280 -10.28 10.67 -10.67
N SER A 281 -10.93 11.73 -11.16
CA SER A 281 -10.85 12.10 -12.58
C SER A 281 -9.53 12.81 -12.94
N HIS A 282 -8.72 13.08 -11.93
CA HIS A 282 -7.40 13.71 -12.14
C HIS A 282 -6.28 12.69 -12.08
N GLU A 283 -5.30 12.83 -12.97
CA GLU A 283 -4.09 12.01 -12.85
C GLU A 283 -3.16 12.58 -11.78
N GLN A 284 -2.27 11.79 -11.27
CA GLN A 284 -1.30 12.22 -10.25
C GLN A 284 -1.94 12.63 -8.93
N VAL A 285 -2.94 11.87 -8.50
CA VAL A 285 -3.45 12.04 -7.14
C VAL A 285 -3.10 10.80 -6.31
N TRP A 286 -2.44 11.01 -5.17
CA TRP A 286 -2.10 9.95 -4.24
C TRP A 286 -3.15 9.80 -3.14
N PHE A 287 -4.00 8.78 -3.25
CA PHE A 287 -5.01 8.54 -2.22
C PHE A 287 -4.37 7.63 -1.20
N THR A 288 -4.26 8.09 0.04
CA THR A 288 -3.42 7.41 1.02
C THR A 288 -3.92 7.45 2.48
N ARG A 289 -3.21 6.74 3.34
CA ARG A 289 -3.47 6.73 4.77
C ARG A 289 -2.37 7.55 5.39
N ARG A 290 -2.63 8.12 6.57
CA ARG A 290 -1.63 8.98 7.22
C ARG A 290 -0.36 8.23 7.68
N VAL A 291 -0.47 6.98 8.10
CA VAL A 291 0.72 6.20 8.42
C VAL A 291 1.62 5.98 7.17
N ASP A 292 1.02 5.89 5.99
CA ASP A 292 1.77 5.77 4.76
C ASP A 292 2.50 7.08 4.40
N ILE A 293 1.85 8.21 4.66
CA ILE A 293 2.51 9.49 4.49
C ILE A 293 3.70 9.56 5.43
N ALA A 294 3.52 9.03 6.63
CA ALA A 294 4.54 9.11 7.67
C ALA A 294 5.78 8.27 7.31
N ARG A 295 5.53 7.04 6.85
CA ARG A 295 6.63 6.16 6.46
C ARG A 295 7.32 6.72 5.22
N HIS A 296 6.52 7.25 4.30
CA HIS A 296 7.07 7.92 3.14
C HIS A 296 7.98 9.08 3.56
N TRP A 297 7.55 9.88 4.55
CA TRP A 297 8.38 11.01 4.96
C TRP A 297 9.73 10.53 5.48
N HIS A 298 9.70 9.57 6.39
CA HIS A 298 10.90 8.92 6.89
C HIS A 298 11.85 8.56 5.76
N ALA A 299 11.34 7.83 4.77
CA ALA A 299 12.20 7.30 3.74
C ALA A 299 12.66 8.37 2.75
N THR A 300 11.96 9.51 2.73
CA THR A 300 12.17 10.54 1.71
C THR A 300 12.85 11.78 2.27
N HIS A 301 12.52 12.13 3.51
CA HIS A 301 13.06 13.31 4.15
C HIS A 301 13.41 12.95 5.59
N PRO A 302 14.36 12.02 5.77
CA PRO A 302 14.77 11.54 7.07
C PRO A 302 15.10 12.68 8.03
N TYR A 303 14.85 12.45 9.31
CA TYR A 303 15.12 13.43 10.33
C TYR A 303 16.63 13.65 10.54
N THR A 304 17.09 14.84 10.21
CA THR A 304 18.49 15.23 10.40
C THR A 304 18.70 15.87 11.77
N VAL B 3 37.77 -23.98 -25.59
CA VAL B 3 36.84 -23.95 -26.76
C VAL B 3 35.71 -22.94 -26.55
N ASP B 4 35.27 -22.32 -27.65
CA ASP B 4 34.19 -21.33 -27.60
C ASP B 4 32.87 -21.98 -27.20
N TYR B 5 32.33 -21.56 -26.07
CA TYR B 5 31.15 -22.18 -25.51
C TYR B 5 30.33 -21.10 -24.79
N PRO B 6 29.16 -20.78 -25.35
CA PRO B 6 28.29 -19.68 -24.90
C PRO B 6 27.47 -19.95 -23.63
N ARG B 7 28.10 -20.55 -22.63
CA ARG B 7 27.48 -20.79 -21.35
C ARG B 7 28.53 -20.50 -20.30
N ASP B 8 28.14 -19.83 -19.23
CA ASP B 8 29.02 -19.66 -18.09
C ASP B 8 28.61 -20.59 -16.93
N LEU B 9 29.24 -21.76 -16.89
CA LEU B 9 29.03 -22.76 -15.87
C LEU B 9 29.72 -22.39 -14.55
N ILE B 10 30.67 -21.44 -14.59
CA ILE B 10 31.41 -21.11 -13.36
C ILE B 10 30.83 -19.91 -12.60
N GLY B 11 30.45 -18.85 -13.32
CA GLY B 11 29.94 -17.65 -12.64
C GLY B 11 30.97 -17.06 -11.70
N TYR B 12 30.57 -16.80 -10.48
CA TYR B 12 31.47 -16.32 -9.44
C TYR B 12 32.38 -17.44 -8.88
N GLY B 13 32.14 -18.69 -9.25
CA GLY B 13 32.82 -19.79 -8.57
C GLY B 13 32.63 -19.77 -7.07
N SER B 14 33.70 -20.01 -6.32
CA SER B 14 33.54 -20.15 -4.88
C SER B 14 33.71 -18.81 -4.17
N ASN B 15 33.88 -17.77 -4.93
CA ASN B 15 34.07 -16.43 -4.40
C ASN B 15 32.98 -15.45 -4.83
N PRO B 16 31.73 -15.65 -4.36
CA PRO B 16 30.73 -14.65 -4.71
C PRO B 16 30.87 -13.37 -3.90
N PRO B 17 30.49 -12.23 -4.50
CA PRO B 17 30.62 -10.95 -3.79
C PRO B 17 29.61 -10.83 -2.64
N HIS B 18 30.06 -10.18 -1.57
CA HIS B 18 29.19 -9.73 -0.52
C HIS B 18 28.36 -8.57 -1.11
N PRO B 19 27.02 -8.71 -1.07
CA PRO B 19 26.15 -7.72 -1.74
C PRO B 19 26.00 -6.41 -0.95
N HIS B 20 26.40 -6.46 0.31
CA HIS B 20 26.21 -5.40 1.31
C HIS B 20 24.81 -4.84 1.22
N TRP B 21 23.82 -5.65 1.58
CA TRP B 21 22.42 -5.22 1.45
C TRP B 21 22.14 -4.13 2.47
N PRO B 22 21.26 -3.17 2.12
CA PRO B 22 20.77 -2.17 3.06
C PRO B 22 20.41 -2.74 4.43
N GLY B 23 20.68 -1.96 5.48
CA GLY B 23 20.30 -2.36 6.84
C GLY B 23 21.06 -3.58 7.31
N LYS B 24 22.25 -3.78 6.73
CA LYS B 24 23.08 -4.96 6.99
C LYS B 24 22.28 -6.27 6.93
N ALA B 25 21.32 -6.35 6.02
CA ALA B 25 20.47 -7.55 5.90
C ALA B 25 21.29 -8.80 5.61
N ARG B 26 20.96 -9.90 6.27
CA ARG B 26 21.63 -11.19 6.04
C ARG B 26 21.02 -11.90 4.82
N ILE B 27 19.88 -11.38 4.36
CA ILE B 27 19.14 -11.92 3.23
C ILE B 27 18.25 -10.84 2.64
N ALA B 28 18.21 -10.81 1.32
CA ALA B 28 17.25 -9.99 0.58
C ALA B 28 16.10 -10.88 0.08
N LEU B 29 14.88 -10.39 0.21
CA LEU B 29 13.70 -11.14 -0.29
C LEU B 29 13.04 -10.34 -1.41
N SER B 30 12.85 -11.00 -2.53
CA SER B 30 12.15 -10.41 -3.64
C SER B 30 10.88 -11.25 -3.87
N PHE B 31 9.75 -10.72 -3.40
CA PHE B 31 8.43 -11.33 -3.66
C PHE B 31 8.00 -10.84 -5.03
N VAL B 32 7.55 -11.74 -5.89
CA VAL B 32 7.24 -11.36 -7.26
C VAL B 32 5.83 -11.85 -7.61
N LEU B 33 4.94 -10.92 -7.99
CA LEU B 33 3.61 -11.32 -8.40
C LEU B 33 3.47 -11.21 -9.91
N ASN B 34 3.25 -12.34 -10.56
CA ASN B 34 2.98 -12.33 -11.99
C ASN B 34 1.54 -11.89 -12.26
N TYR B 35 1.36 -11.12 -13.32
CA TYR B 35 0.02 -10.75 -13.75
C TYR B 35 -0.10 -11.10 -15.23
N GLU B 36 -0.60 -12.30 -15.48
CA GLU B 36 -0.66 -12.90 -16.81
C GLU B 36 -2.08 -13.06 -17.33
N GLU B 37 -3.05 -13.03 -16.41
CA GLU B 37 -4.44 -13.35 -16.74
C GLU B 37 -5.07 -12.34 -17.72
N GLY B 38 -5.42 -12.82 -18.91
CA GLY B 38 -5.90 -11.96 -19.97
C GLY B 38 -4.90 -11.84 -21.12
N GLY B 39 -3.67 -12.33 -20.90
CA GLY B 39 -2.62 -12.41 -21.92
C GLY B 39 -2.10 -13.80 -22.33
N GLU B 40 -2.70 -14.86 -21.76
CA GLU B 40 -2.33 -16.26 -22.01
C GLU B 40 -2.80 -16.73 -23.39
N ARG B 41 -2.46 -17.98 -23.74
CA ARG B 41 -2.88 -18.54 -25.03
C ARG B 41 -4.40 -18.50 -25.17
N ASN B 42 -4.87 -18.14 -26.37
CA ASN B 42 -6.31 -18.10 -26.66
C ASN B 42 -6.48 -17.70 -28.12
N ILE B 43 -7.32 -18.43 -28.85
CA ILE B 43 -7.67 -18.05 -30.22
C ILE B 43 -8.28 -16.65 -30.26
N LEU B 44 -8.90 -16.21 -29.18
CA LEU B 44 -9.39 -14.83 -29.13
C LEU B 44 -8.21 -13.85 -29.29
N HIS B 45 -7.04 -14.26 -28.80
CA HIS B 45 -5.83 -13.44 -28.92
C HIS B 45 -5.08 -13.68 -30.22
N GLY B 46 -5.64 -14.51 -31.09
CA GLY B 46 -4.99 -14.84 -32.35
C GLY B 46 -3.98 -15.97 -32.22
N ASP B 47 -3.96 -16.67 -31.08
CA ASP B 47 -3.09 -17.85 -30.99
C ASP B 47 -3.77 -19.02 -31.70
N LYS B 48 -3.02 -20.06 -32.00
CA LYS B 48 -3.58 -21.18 -32.74
C LYS B 48 -4.35 -22.20 -31.86
N GLU B 49 -4.35 -21.98 -30.54
CA GLU B 49 -4.78 -23.03 -29.60
C GLU B 49 -5.06 -22.42 -28.22
N SER B 50 -5.76 -23.16 -27.37
CA SER B 50 -6.08 -22.67 -26.04
C SER B 50 -4.93 -22.99 -25.08
N GLU B 51 -4.94 -22.35 -23.91
CA GLU B 51 -3.91 -22.50 -22.86
C GLU B 51 -3.99 -23.84 -22.12
N ALA B 52 -2.85 -24.37 -21.66
CA ALA B 52 -2.81 -25.62 -20.90
C ALA B 52 -1.89 -25.58 -19.68
N PHE B 53 -1.19 -24.47 -19.52
CA PHE B 53 -0.07 -24.36 -18.59
C PHE B 53 -0.54 -23.60 -17.34
N LEU B 54 -0.15 -24.10 -16.17
CA LEU B 54 -0.42 -23.43 -14.88
C LEU B 54 -1.90 -23.14 -14.57
N SER B 55 -2.67 -24.20 -14.32
CA SER B 55 -4.03 -24.05 -13.80
C SER B 55 -4.36 -25.34 -13.07
N GLU B 56 -5.50 -25.34 -12.38
CA GLU B 56 -6.01 -26.50 -11.63
C GLU B 56 -6.26 -27.70 -12.53
N MET B 57 -6.49 -27.45 -13.83
CA MET B 57 -6.55 -28.51 -14.84
C MET B 57 -5.16 -29.03 -15.12
N VAL B 58 -4.66 -29.78 -14.13
CA VAL B 58 -3.27 -30.19 -14.09
C VAL B 58 -2.86 -31.06 -15.28
N SER B 59 -3.83 -31.69 -15.95
CA SER B 59 -3.47 -32.50 -17.12
C SER B 59 -4.00 -31.95 -18.46
N ALA B 60 -4.36 -30.67 -18.51
CA ALA B 60 -4.85 -30.06 -19.76
C ALA B 60 -3.83 -30.13 -20.89
N GLN B 61 -4.33 -30.29 -22.12
CA GLN B 61 -3.54 -30.06 -23.30
C GLN B 61 -4.19 -28.89 -24.05
N PRO B 62 -3.42 -28.23 -24.95
CA PRO B 62 -3.96 -27.16 -25.79
C PRO B 62 -4.97 -27.74 -26.80
N LEU B 63 -6.05 -27.01 -27.05
CA LEU B 63 -7.02 -27.41 -28.07
C LEU B 63 -6.79 -26.57 -29.30
N GLN B 64 -6.37 -27.20 -30.40
CA GLN B 64 -6.17 -26.49 -31.67
C GLN B 64 -7.47 -25.84 -32.13
N GLY B 65 -7.41 -24.55 -32.44
CA GLY B 65 -8.57 -23.87 -33.01
C GLY B 65 -9.85 -23.80 -32.17
N GLU B 66 -9.73 -23.96 -30.85
CA GLU B 66 -10.90 -23.97 -29.96
C GLU B 66 -10.70 -23.08 -28.76
N ARG B 67 -11.81 -22.73 -28.10
CA ARG B 67 -11.78 -22.15 -26.76
C ARG B 67 -12.01 -23.25 -25.71
N ASN B 68 -11.26 -23.17 -24.61
CA ASN B 68 -11.41 -24.10 -23.52
C ASN B 68 -11.99 -23.26 -22.39
N MET B 69 -13.30 -23.39 -22.17
CA MET B 69 -13.99 -22.43 -21.31
C MET B 69 -13.58 -22.57 -19.85
N SER B 70 -13.47 -23.82 -19.39
CA SER B 70 -13.03 -24.13 -18.03
CA SER B 70 -13.06 -24.08 -18.02
C SER B 70 -11.67 -23.47 -17.75
N MET B 71 -10.76 -23.62 -18.71
CA MET B 71 -9.40 -23.05 -18.64
C MET B 71 -9.47 -21.53 -18.55
N GLU B 72 -10.26 -20.92 -19.43
CA GLU B 72 -10.45 -19.46 -19.39
C GLU B 72 -10.98 -19.04 -18.04
N SER B 73 -11.94 -19.81 -17.52
CA SER B 73 -12.61 -19.44 -16.27
C SER B 73 -11.65 -19.43 -15.09
N LEU B 74 -10.73 -20.39 -15.08
CA LEU B 74 -9.68 -20.52 -14.03
C LEU B 74 -8.69 -19.34 -14.08
N TYR B 75 -8.40 -18.87 -15.28
CA TYR B 75 -7.61 -17.65 -15.41
C TYR B 75 -8.38 -16.42 -14.90
N GLU B 76 -9.66 -16.33 -15.23
CA GLU B 76 -10.48 -15.21 -14.72
C GLU B 76 -10.54 -15.16 -13.21
N TYR B 77 -10.47 -16.31 -12.54
CA TYR B 77 -10.36 -16.24 -11.09
C TYR B 77 -9.20 -15.36 -10.61
N GLY B 78 -8.07 -15.44 -11.32
CA GLY B 78 -6.89 -14.66 -10.92
C GLY B 78 -7.11 -13.16 -10.99
N SER B 79 -7.65 -12.71 -12.12
CA SER B 79 -7.91 -11.28 -12.34
C SER B 79 -9.13 -10.77 -11.53
N ARG B 80 -10.15 -11.61 -11.37
CA ARG B 80 -11.38 -11.20 -10.67
C ARG B 80 -11.24 -11.15 -9.15
N ALA B 81 -10.49 -12.08 -8.58
CA ALA B 81 -10.53 -12.28 -7.11
C ALA B 81 -9.17 -12.42 -6.45
N GLY B 82 -8.35 -13.27 -7.03
CA GLY B 82 -7.04 -13.57 -6.50
C GLY B 82 -6.18 -12.36 -6.36
N VAL B 83 -6.16 -11.51 -7.39
CA VAL B 83 -5.19 -10.38 -7.36
C VAL B 83 -5.42 -9.47 -6.15
N TRP B 84 -6.69 -9.16 -5.87
CA TRP B 84 -7.04 -8.25 -4.79
C TRP B 84 -6.65 -8.83 -3.43
N ARG B 85 -6.84 -10.13 -3.28
CA ARG B 85 -6.56 -10.81 -2.05
C ARG B 85 -5.06 -10.81 -1.74
N ILE B 86 -4.25 -10.94 -2.78
CA ILE B 86 -2.80 -10.95 -2.67
C ILE B 86 -2.28 -9.54 -2.37
N LEU B 87 -2.83 -8.55 -3.08
CA LEU B 87 -2.47 -7.12 -2.85
C LEU B 87 -2.71 -6.69 -1.41
N LYS B 88 -3.86 -7.06 -0.87
CA LYS B 88 -4.21 -6.74 0.52
C LYS B 88 -3.27 -7.38 1.56
N LEU B 89 -2.85 -8.61 1.26
CA LEU B 89 -1.94 -9.33 2.14
C LEU B 89 -0.62 -8.56 2.23
N PHE B 90 -0.04 -8.22 1.08
CA PHE B 90 1.26 -7.51 1.12
C PHE B 90 1.17 -6.10 1.76
N LYS B 91 0.11 -5.38 1.43
CA LYS B 91 -0.17 -4.09 2.05
C LYS B 91 -0.27 -4.24 3.57
N ALA B 92 -0.92 -5.30 4.06
CA ALA B 92 -1.04 -5.49 5.50
C ALA B 92 0.30 -5.65 6.21
N PHE B 93 1.30 -6.18 5.49
CA PHE B 93 2.63 -6.35 6.07
C PHE B 93 3.62 -5.32 5.56
N ASP B 94 3.14 -4.35 4.77
CA ASP B 94 3.96 -3.25 4.36
C ASP B 94 5.16 -3.78 3.52
N ILE B 95 4.94 -4.87 2.79
CA ILE B 95 5.99 -5.47 1.95
C ILE B 95 5.82 -5.06 0.49
N PRO B 96 6.89 -4.58 -0.15
CA PRO B 96 6.85 -4.21 -1.56
C PRO B 96 6.93 -5.41 -2.54
N LEU B 97 6.35 -5.24 -3.73
CA LEU B 97 6.36 -6.27 -4.78
C LEU B 97 6.99 -5.75 -6.07
N THR B 98 7.60 -6.67 -6.80
CA THR B 98 7.82 -6.48 -8.21
C THR B 98 6.72 -7.27 -8.92
N ILE B 99 6.14 -6.62 -9.80
CA ILE B 99 5.03 -7.18 -10.58
C ILE B 99 5.50 -7.64 -11.95
N PHE B 100 5.45 -8.84 -12.30
CA PHE B 100 5.82 -9.29 -13.63
C PHE B 100 4.57 -9.17 -14.49
N ALA B 101 4.37 -7.98 -15.06
CA ALA B 101 3.13 -7.66 -15.80
C ALA B 101 3.15 -8.01 -17.30
N VAL B 102 2.24 -8.89 -17.73
CA VAL B 102 2.15 -9.17 -19.17
C VAL B 102 1.34 -7.99 -19.74
N ALA B 103 1.82 -7.36 -20.80
CA ALA B 103 1.21 -6.10 -21.25
C ALA B 103 -0.22 -6.26 -21.77
N MET B 104 -0.49 -7.32 -22.52
CA MET B 104 -1.88 -7.58 -22.91
C MET B 104 -2.80 -7.69 -21.67
N ALA B 105 -2.38 -8.48 -20.67
CA ALA B 105 -3.14 -8.67 -19.45
C ALA B 105 -3.38 -7.37 -18.73
N ALA B 106 -2.34 -6.54 -18.68
CA ALA B 106 -2.40 -5.24 -18.02
C ALA B 106 -3.42 -4.35 -18.73
N GLN B 107 -3.36 -4.33 -20.05
CA GLN B 107 -4.22 -3.49 -20.89
C GLN B 107 -5.69 -3.81 -20.67
N ARG B 108 -5.97 -5.09 -20.41
CA ARG B 108 -7.31 -5.57 -20.14
C ARG B 108 -7.85 -5.21 -18.74
N HIS B 109 -6.97 -4.92 -17.79
CA HIS B 109 -7.42 -4.52 -16.47
C HIS B 109 -6.65 -3.33 -15.90
N PRO B 110 -6.80 -2.15 -16.55
CA PRO B 110 -6.05 -0.95 -16.20
C PRO B 110 -6.13 -0.61 -14.72
N ASP B 111 -7.31 -0.82 -14.14
CA ASP B 111 -7.59 -0.42 -12.78
C ASP B 111 -6.72 -1.19 -11.78
N VAL B 112 -6.43 -2.45 -12.04
CA VAL B 112 -5.61 -3.20 -11.07
C VAL B 112 -4.16 -2.73 -11.20
N ILE B 113 -3.72 -2.48 -12.42
CA ILE B 113 -2.39 -1.93 -12.65
C ILE B 113 -2.20 -0.60 -11.88
N ARG B 114 -3.23 0.24 -11.88
CA ARG B 114 -3.23 1.52 -11.18
C ARG B 114 -3.14 1.38 -9.66
N ALA B 115 -3.84 0.37 -9.12
CA ALA B 115 -3.73 0.01 -7.70
C ALA B 115 -2.32 -0.49 -7.33
N MET B 116 -1.67 -1.21 -8.24
CA MET B 116 -0.33 -1.72 -7.92
C MET B 116 0.65 -0.55 -7.79
N VAL B 117 0.56 0.38 -8.75
CA VAL B 117 1.40 1.56 -8.73
C VAL B 117 1.15 2.39 -7.46
N ALA B 118 -0.10 2.56 -7.06
CA ALA B 118 -0.41 3.37 -5.88
C ALA B 118 0.23 2.81 -4.63
N ALA B 119 0.37 1.48 -4.64
CA ALA B 119 0.91 0.75 -3.50
C ALA B 119 2.45 0.78 -3.51
N GLY B 120 3.01 1.32 -4.60
CA GLY B 120 4.46 1.47 -4.70
C GLY B 120 5.15 0.24 -5.26
N HIS B 121 4.40 -0.59 -5.98
CA HIS B 121 4.97 -1.78 -6.55
C HIS B 121 5.63 -1.50 -7.88
N GLU B 122 6.72 -2.19 -8.14
CA GLU B 122 7.41 -2.02 -9.39
C GLU B 122 6.62 -2.73 -10.44
N ILE B 123 6.41 -2.05 -11.55
CA ILE B 123 5.90 -2.70 -12.73
C ILE B 123 7.05 -3.05 -13.66
N CYS B 124 7.39 -4.34 -13.67
CA CYS B 124 8.37 -4.93 -14.56
C CYS B 124 7.63 -5.56 -15.76
N SER B 125 8.23 -5.45 -16.94
CA SER B 125 7.68 -6.10 -18.11
C SER B 125 7.77 -7.63 -18.02
N HIS B 126 6.70 -8.31 -18.38
CA HIS B 126 6.66 -9.78 -18.52
C HIS B 126 6.27 -10.07 -19.97
N GLY B 127 6.62 -9.16 -20.89
CA GLY B 127 6.33 -9.39 -22.30
C GLY B 127 4.96 -8.90 -22.74
N TYR B 128 4.70 -8.88 -24.05
CA TYR B 128 3.41 -8.42 -24.55
C TYR B 128 2.35 -9.55 -24.42
N ARG B 129 2.77 -10.77 -24.68
CA ARG B 129 1.86 -11.91 -24.61
C ARG B 129 2.50 -12.94 -23.68
N TRP B 130 1.66 -13.73 -23.02
CA TRP B 130 2.16 -14.84 -22.21
C TRP B 130 2.05 -16.11 -23.02
N ILE B 131 3.05 -16.27 -23.89
CA ILE B 131 3.20 -17.39 -24.80
C ILE B 131 4.67 -17.78 -24.84
N ASP B 132 4.95 -18.89 -25.53
CA ASP B 132 6.30 -19.41 -25.70
C ASP B 132 6.98 -18.75 -26.90
N TYR B 133 8.11 -18.10 -26.66
CA TYR B 133 8.80 -17.39 -27.75
C TYR B 133 9.92 -18.25 -28.39
N GLN B 134 9.97 -19.55 -28.07
CA GLN B 134 11.07 -20.42 -28.50
C GLN B 134 11.32 -20.28 -29.99
N TYR B 135 10.24 -20.35 -30.77
CA TYR B 135 10.33 -20.45 -32.22
C TYR B 135 9.92 -19.19 -32.95
N MET B 136 9.55 -18.14 -32.24
CA MET B 136 9.11 -16.93 -32.94
C MET B 136 10.27 -16.21 -33.63
N ASP B 137 10.02 -15.72 -34.84
CA ASP B 137 10.98 -14.91 -35.59
C ASP B 137 11.34 -13.63 -34.83
N GLU B 138 12.60 -13.22 -34.95
CA GLU B 138 13.13 -12.08 -34.19
C GLU B 138 12.38 -10.78 -34.43
N ALA B 139 11.94 -10.56 -35.67
CA ALA B 139 11.20 -9.37 -36.00
C ALA B 139 9.91 -9.26 -35.17
N GLN B 140 9.12 -10.33 -35.15
CA GLN B 140 7.87 -10.34 -34.38
C GLN B 140 8.15 -10.12 -32.90
N GLU B 141 9.17 -10.81 -32.38
CA GLU B 141 9.53 -10.69 -30.96
C GLU B 141 9.98 -9.30 -30.56
N ARG B 142 10.76 -8.63 -31.42
CA ARG B 142 11.11 -7.24 -31.16
C ARG B 142 9.87 -6.33 -31.12
N GLU B 143 8.93 -6.59 -32.01
CA GLU B 143 7.73 -5.78 -32.08
C GLU B 143 6.87 -6.03 -30.85
N HIS B 144 6.82 -7.28 -30.42
CA HIS B 144 6.14 -7.59 -29.15
C HIS B 144 6.78 -6.82 -28.02
N MET B 145 8.11 -6.86 -27.94
CA MET B 145 8.80 -6.16 -26.87
C MET B 145 8.50 -4.66 -26.93
N LEU B 146 8.55 -4.10 -28.14
CA LEU B 146 8.29 -2.68 -28.32
C LEU B 146 6.89 -2.35 -27.82
N GLU B 147 5.94 -3.20 -28.17
CA GLU B 147 4.54 -2.95 -27.85
C GLU B 147 4.34 -3.06 -26.35
N ALA B 148 4.94 -4.08 -25.72
CA ALA B 148 4.88 -4.20 -24.26
C ALA B 148 5.35 -2.92 -23.57
N ILE B 149 6.46 -2.36 -24.06
CA ILE B 149 7.00 -1.15 -23.47
C ILE B 149 5.98 0.00 -23.58
N ARG B 150 5.43 0.23 -24.77
CA ARG B 150 4.42 1.30 -24.97
C ARG B 150 3.26 1.15 -23.97
N ILE B 151 2.72 -0.06 -23.89
CA ILE B 151 1.55 -0.33 -23.04
C ILE B 151 1.84 -0.05 -21.57
N LEU B 152 2.93 -0.60 -21.07
CA LEU B 152 3.27 -0.42 -19.67
C LEU B 152 3.67 1.03 -19.34
N THR B 153 4.40 1.68 -20.24
CA THR B 153 4.70 3.09 -20.04
C THR B 153 3.41 3.92 -19.85
N GLU B 154 2.44 3.68 -20.73
CA GLU B 154 1.19 4.43 -20.68
C GLU B 154 0.43 4.21 -19.38
N LEU B 155 0.39 2.96 -18.92
CA LEU B 155 -0.41 2.61 -17.74
C LEU B 155 0.19 3.12 -16.43
N THR B 156 1.52 3.09 -16.33
CA THR B 156 2.20 3.48 -15.11
C THR B 156 2.80 4.89 -15.21
N GLY B 157 2.90 5.42 -16.42
CA GLY B 157 3.52 6.72 -16.61
C GLY B 157 5.04 6.76 -16.47
N GLU B 158 5.71 5.64 -16.37
CA GLU B 158 7.15 5.41 -16.46
C GLU B 158 7.46 4.22 -17.34
N ARG B 159 8.48 4.15 -18.12
CA ARG B 159 8.75 2.90 -18.84
C ARG B 159 9.26 1.80 -17.87
N PRO B 160 9.03 0.54 -18.21
CA PRO B 160 9.60 -0.50 -17.36
C PRO B 160 11.12 -0.61 -17.54
N LEU B 161 11.80 -0.94 -16.43
CA LEU B 161 13.28 -1.01 -16.32
C LEU B 161 13.81 -2.43 -16.14
N GLY B 162 12.89 -3.39 -15.99
CA GLY B 162 13.19 -4.81 -15.93
C GLY B 162 12.34 -5.57 -16.92
N TRP B 163 12.81 -6.76 -17.32
CA TRP B 163 12.12 -7.63 -18.27
C TRP B 163 12.23 -9.10 -17.84
N TYR B 164 11.15 -9.86 -18.04
CA TYR B 164 11.17 -11.31 -17.85
C TYR B 164 10.16 -11.99 -18.79
N THR B 165 10.66 -12.74 -19.76
CA THR B 165 9.79 -13.50 -20.65
C THR B 165 9.31 -14.79 -20.01
N GLY B 166 10.25 -15.58 -19.50
CA GLY B 166 9.93 -16.92 -19.03
C GLY B 166 10.29 -17.93 -20.09
N ARG B 167 9.35 -18.21 -21.00
CA ARG B 167 9.59 -19.11 -22.10
C ARG B 167 10.28 -18.37 -23.25
N THR B 168 11.50 -17.96 -22.96
CA THR B 168 12.44 -17.36 -23.89
C THR B 168 12.77 -18.26 -25.07
N GLY B 169 13.33 -17.65 -26.10
CA GLY B 169 13.87 -18.39 -27.20
C GLY B 169 15.27 -17.82 -27.35
N PRO B 170 15.94 -18.20 -28.44
CA PRO B 170 17.37 -17.92 -28.64
C PRO B 170 17.72 -16.43 -28.75
N ASN B 171 16.76 -15.60 -29.18
CA ASN B 171 16.99 -14.15 -29.34
C ASN B 171 16.47 -13.27 -28.21
N THR B 172 15.66 -13.82 -27.31
CA THR B 172 14.89 -13.01 -26.37
C THR B 172 15.76 -12.08 -25.55
N ARG B 173 16.76 -12.65 -24.90
CA ARG B 173 17.60 -11.87 -24.01
C ARG B 173 18.45 -10.85 -24.78
N ARG B 174 18.91 -11.25 -25.97
CA ARG B 174 19.63 -10.34 -26.85
C ARG B 174 18.75 -9.12 -27.14
N LEU B 175 17.52 -9.36 -27.59
CA LEU B 175 16.60 -8.29 -27.96
C LEU B 175 16.33 -7.31 -26.79
N VAL B 176 16.35 -7.82 -25.57
CA VAL B 176 16.17 -6.98 -24.39
C VAL B 176 17.35 -6.05 -24.18
N MET B 177 18.55 -6.63 -24.30
CA MET B 177 19.79 -5.85 -24.16
C MET B 177 19.93 -4.85 -25.30
N GLU B 178 19.53 -5.27 -26.50
CA GLU B 178 19.63 -4.42 -27.67
C GLU B 178 18.66 -3.23 -27.67
N GLU B 179 17.59 -3.29 -26.86
CA GLU B 179 16.68 -2.15 -26.76
C GLU B 179 17.32 -1.02 -25.96
N GLY B 180 18.22 -1.37 -25.06
CA GLY B 180 19.03 -0.37 -24.34
C GLY B 180 18.38 0.31 -23.15
N GLY B 181 17.07 0.23 -23.03
CA GLY B 181 16.36 0.98 -21.98
C GLY B 181 16.15 0.25 -20.67
N PHE B 182 16.44 -1.05 -20.63
CA PHE B 182 16.24 -1.79 -19.39
C PHE B 182 17.50 -1.74 -18.54
N LEU B 183 17.31 -1.69 -17.21
CA LEU B 183 18.38 -1.79 -16.24
C LEU B 183 18.79 -3.24 -16.03
N TYR B 184 17.80 -4.14 -16.13
CA TYR B 184 18.01 -5.57 -15.80
C TYR B 184 17.00 -6.50 -16.47
N ASP B 185 17.34 -7.79 -16.49
CA ASP B 185 16.40 -8.84 -16.87
C ASP B 185 16.49 -9.99 -15.90
N CYS B 186 15.48 -10.86 -15.92
CA CYS B 186 15.40 -11.94 -14.96
C CYS B 186 15.24 -13.30 -15.66
N ASP B 187 15.51 -13.35 -16.95
CA ASP B 187 15.42 -14.64 -17.68
C ASP B 187 16.58 -15.65 -17.47
N THR B 188 17.00 -15.82 -16.23
CA THR B 188 17.90 -16.89 -15.83
C THR B 188 17.44 -17.51 -14.50
N TYR B 189 17.96 -18.70 -14.20
CA TYR B 189 17.69 -19.39 -12.96
C TYR B 189 19.03 -19.90 -12.42
N ASP B 190 20.10 -19.12 -12.57
CA ASP B 190 21.48 -19.62 -12.49
C ASP B 190 22.32 -19.20 -11.27
N ASP B 191 21.70 -18.47 -10.33
CA ASP B 191 22.48 -17.92 -9.23
C ASP B 191 21.63 -17.42 -8.04
N ASP B 192 22.30 -17.23 -6.90
CA ASP B 192 21.74 -16.69 -5.67
C ASP B 192 21.99 -15.20 -5.51
N LEU B 193 22.59 -14.60 -6.53
CA LEU B 193 22.94 -13.18 -6.53
C LEU B 193 22.86 -12.62 -7.95
N PRO B 194 22.64 -11.30 -8.06
CA PRO B 194 22.72 -10.55 -9.33
C PRO B 194 24.13 -10.60 -9.89
N TYR B 195 24.27 -10.51 -11.22
CA TYR B 195 25.58 -10.42 -11.85
C TYR B 195 25.50 -9.65 -13.15
N TRP B 196 26.63 -9.06 -13.56
CA TRP B 196 26.64 -8.35 -14.84
C TRP B 196 26.66 -9.33 -16.00
N GLU B 197 25.79 -9.10 -16.96
CA GLU B 197 25.73 -9.91 -18.16
C GLU B 197 27.08 -9.83 -18.87
N PRO B 198 27.84 -10.96 -18.89
CA PRO B 198 29.16 -11.04 -19.57
C PRO B 198 29.10 -10.86 -21.10
N ASN B 199 27.96 -11.12 -21.72
CA ASN B 199 27.87 -11.12 -23.19
C ASN B 199 26.81 -10.18 -23.78
N ASN B 200 26.83 -8.92 -23.34
CA ASN B 200 25.99 -7.90 -23.90
C ASN B 200 26.56 -7.44 -25.25
N PRO B 201 25.80 -7.63 -26.35
CA PRO B 201 26.28 -7.31 -27.70
C PRO B 201 26.37 -5.81 -27.97
N THR B 202 25.78 -5.02 -27.08
CA THR B 202 25.93 -3.57 -27.06
C THR B 202 27.14 -3.25 -26.21
N GLY B 203 27.15 -2.05 -25.64
CA GLY B 203 28.18 -1.70 -24.69
C GLY B 203 27.69 -1.77 -23.26
N LYS B 204 26.63 -1.03 -22.98
CA LYS B 204 26.23 -0.73 -21.60
C LYS B 204 26.24 -1.93 -20.65
N PRO B 205 26.53 -1.65 -19.37
CA PRO B 205 26.30 -2.62 -18.30
C PRO B 205 24.84 -3.11 -18.30
N HIS B 206 24.63 -4.41 -18.19
CA HIS B 206 23.28 -4.95 -18.06
C HIS B 206 23.25 -5.94 -16.92
N LEU B 207 22.37 -5.70 -15.96
CA LEU B 207 22.30 -6.54 -14.77
C LEU B 207 21.31 -7.68 -14.92
N VAL B 208 21.77 -8.88 -14.56
CA VAL B 208 20.95 -10.09 -14.54
C VAL B 208 20.51 -10.31 -13.10
N ILE B 209 19.21 -10.39 -12.88
CA ILE B 209 18.76 -10.74 -11.53
C ILE B 209 18.00 -12.06 -11.62
N PRO B 210 18.68 -13.18 -11.26
CA PRO B 210 18.14 -14.52 -11.48
C PRO B 210 16.77 -14.72 -10.82
N TYR B 211 15.92 -15.51 -11.48
CA TYR B 211 14.57 -15.78 -10.98
C TYR B 211 14.52 -17.22 -10.45
N THR B 212 13.34 -17.85 -10.45
CA THR B 212 13.12 -19.12 -9.77
C THR B 212 11.90 -19.89 -10.30
N LEU B 213 12.11 -21.19 -10.56
CA LEU B 213 11.00 -22.11 -10.82
C LEU B 213 10.74 -23.04 -9.60
N ASP B 214 11.56 -22.92 -8.56
CA ASP B 214 11.40 -23.81 -7.40
C ASP B 214 10.66 -23.17 -6.20
N THR B 215 11.10 -21.98 -5.76
CA THR B 215 10.38 -21.23 -4.69
C THR B 215 9.35 -20.40 -5.42
N ASN B 216 8.33 -21.10 -5.93
CA ASN B 216 7.42 -20.56 -6.93
C ASN B 216 6.14 -21.37 -6.84
N ASP B 217 5.02 -20.66 -6.68
CA ASP B 217 3.70 -21.28 -6.51
C ASP B 217 3.20 -21.98 -7.82
N MET B 218 3.94 -21.81 -8.90
CA MET B 218 3.60 -22.60 -10.09
C MET B 218 3.59 -24.10 -9.77
N ARG B 219 4.42 -24.50 -8.81
CA ARG B 219 4.57 -25.92 -8.50
CA ARG B 219 4.58 -25.93 -8.53
C ARG B 219 3.33 -26.56 -7.88
N PHE B 220 2.42 -25.70 -7.39
CA PHE B 220 1.08 -26.15 -6.93
C PHE B 220 0.26 -26.82 -8.06
N THR B 221 0.60 -26.51 -9.31
CA THR B 221 -0.20 -27.04 -10.42
C THR B 221 0.63 -27.83 -11.42
N GLN B 222 1.85 -28.18 -11.06
CA GLN B 222 2.67 -28.96 -11.96
C GLN B 222 2.73 -30.41 -11.49
N VAL B 223 3.24 -31.30 -12.34
CA VAL B 223 3.33 -32.71 -11.99
C VAL B 223 4.31 -32.83 -10.83
N GLN B 224 4.03 -33.68 -9.85
CA GLN B 224 4.83 -33.54 -8.62
C GLN B 224 4.77 -32.07 -8.15
N GLY B 225 3.68 -31.71 -7.48
CA GLY B 225 3.60 -30.35 -6.98
C GLY B 225 3.19 -30.37 -5.53
N PHE B 226 3.54 -29.30 -4.80
CA PHE B 226 3.08 -29.12 -3.43
C PHE B 226 1.62 -29.60 -3.33
N ASN B 227 1.28 -30.42 -2.32
CA ASN B 227 -0.10 -30.98 -2.15
C ASN B 227 -0.95 -29.97 -1.36
N LYS B 228 -0.35 -29.35 -0.35
CA LYS B 228 -1.05 -28.42 0.50
C LYS B 228 -0.22 -27.15 0.69
N GLY B 229 -0.85 -26.07 1.14
CA GLY B 229 -0.11 -24.84 1.43
C GLY B 229 1.14 -25.03 2.25
N ASP B 230 1.05 -25.79 3.35
CA ASP B 230 2.18 -26.05 4.28
C ASP B 230 3.45 -26.55 3.59
N ASP B 231 3.27 -27.27 2.49
CA ASP B 231 4.42 -27.74 1.71
C ASP B 231 5.19 -26.57 1.16
N PHE B 232 4.46 -25.58 0.64
CA PHE B 232 5.08 -24.37 0.11
C PHE B 232 5.71 -23.58 1.24
N PHE B 233 4.99 -23.41 2.35
CA PHE B 233 5.55 -22.72 3.50
C PHE B 233 6.88 -23.33 3.96
N GLU B 234 6.97 -24.66 4.03
CA GLU B 234 8.16 -25.31 4.57
C GLU B 234 9.30 -25.20 3.58
N TYR B 235 8.96 -25.21 2.31
CA TYR B 235 9.95 -25.11 1.25
C TYR B 235 10.64 -23.73 1.31
N LEU B 236 9.81 -22.68 1.41
CA LEU B 236 10.29 -21.30 1.55
C LEU B 236 11.03 -21.10 2.86
N LYS B 237 10.50 -21.66 3.93
CA LYS B 237 11.16 -21.60 5.22
C LYS B 237 12.57 -22.18 5.14
N ASP B 238 12.69 -23.37 4.58
CA ASP B 238 14.00 -24.01 4.42
C ASP B 238 14.99 -23.16 3.62
N ALA B 239 14.55 -22.66 2.47
CA ALA B 239 15.35 -21.76 1.65
C ALA B 239 15.81 -20.54 2.45
N PHE B 240 14.88 -19.96 3.20
CA PHE B 240 15.17 -18.81 4.06
C PHE B 240 16.24 -19.15 5.10
N ASP B 241 16.01 -20.22 5.86
CA ASP B 241 16.90 -20.68 6.93
C ASP B 241 18.33 -20.92 6.45
N VAL B 242 18.47 -21.60 5.31
CA VAL B 242 19.78 -21.89 4.72
C VAL B 242 20.50 -20.60 4.28
N LEU B 243 19.82 -19.77 3.49
CA LEU B 243 20.41 -18.49 3.07
C LEU B 243 20.76 -17.55 4.25
N TYR B 244 19.82 -17.43 5.19
CA TYR B 244 19.97 -16.56 6.36
C TYR B 244 21.16 -16.98 7.21
N ALA B 245 21.34 -18.29 7.36
CA ALA B 245 22.55 -18.81 7.97
C ALA B 245 23.82 -18.41 7.19
N GLU B 246 23.81 -18.63 5.87
CA GLU B 246 24.93 -18.26 5.05
C GLU B 246 25.21 -16.76 5.21
N GLY B 247 24.15 -15.99 5.47
CA GLY B 247 24.22 -14.52 5.59
C GLY B 247 25.16 -14.04 6.67
N ALA B 248 25.57 -14.95 7.57
CA ALA B 248 26.57 -14.68 8.61
C ALA B 248 27.92 -14.24 8.03
N GLU B 249 28.19 -14.69 6.81
CA GLU B 249 29.44 -14.39 6.13
C GLU B 249 29.19 -13.96 4.69
N ALA B 250 28.16 -14.51 4.06
CA ALA B 250 27.91 -14.31 2.62
C ALA B 250 26.41 -14.17 2.32
N PRO B 251 25.87 -12.95 2.51
CA PRO B 251 24.43 -12.73 2.25
C PRO B 251 24.06 -12.91 0.76
N LYS B 252 22.89 -13.48 0.54
CA LYS B 252 22.43 -13.78 -0.83
C LYS B 252 21.00 -13.27 -0.98
N MET B 253 20.32 -13.63 -2.06
CA MET B 253 18.92 -13.23 -2.26
C MET B 253 18.06 -14.45 -2.61
N LEU B 254 16.74 -14.30 -2.41
CA LEU B 254 15.79 -15.37 -2.69
C LEU B 254 14.56 -14.75 -3.33
N SER B 255 14.14 -15.29 -4.47
CA SER B 255 12.95 -14.82 -5.12
C SER B 255 11.82 -15.73 -4.67
N ILE B 256 10.63 -15.17 -4.58
CA ILE B 256 9.43 -15.95 -4.32
C ILE B 256 8.42 -15.65 -5.42
N GLY B 257 8.29 -16.58 -6.37
CA GLY B 257 7.39 -16.41 -7.51
C GLY B 257 5.92 -16.68 -7.20
N LEU B 258 5.02 -15.79 -7.64
CA LEU B 258 3.60 -15.88 -7.29
C LEU B 258 2.70 -15.62 -8.51
N HIS B 259 1.57 -16.32 -8.57
CA HIS B 259 0.61 -16.11 -9.65
C HIS B 259 -0.79 -15.88 -9.09
N CYS B 260 -1.50 -14.91 -9.66
CA CYS B 260 -2.77 -14.47 -9.11
C CYS B 260 -3.80 -15.59 -9.02
N ARG B 261 -3.92 -16.39 -10.07
CA ARG B 261 -4.86 -17.51 -10.14
C ARG B 261 -4.44 -18.65 -9.21
N LEU B 262 -3.21 -18.64 -8.72
CA LEU B 262 -2.74 -19.78 -7.90
C LEU B 262 -2.70 -19.46 -6.39
N ILE B 263 -1.79 -18.58 -5.97
CA ILE B 263 -1.69 -18.28 -4.53
C ILE B 263 -2.90 -17.42 -4.14
N GLY B 264 -3.58 -16.85 -5.13
CA GLY B 264 -4.80 -16.07 -4.90
C GLY B 264 -5.98 -16.91 -4.39
N ARG B 265 -5.91 -18.24 -4.52
CA ARG B 265 -6.95 -19.10 -3.91
C ARG B 265 -6.70 -19.12 -2.39
N PRO B 266 -7.77 -19.03 -1.58
CA PRO B 266 -7.71 -18.95 -0.12
C PRO B 266 -6.98 -20.14 0.48
N ALA B 267 -7.15 -21.30 -0.14
CA ALA B 267 -6.46 -22.51 0.32
C ALA B 267 -4.93 -22.35 0.28
N ARG B 268 -4.46 -21.51 -0.64
CA ARG B 268 -3.02 -21.32 -0.83
C ARG B 268 -2.47 -20.07 -0.14
N LEU B 269 -3.31 -19.05 -0.08
CA LEU B 269 -2.85 -17.78 0.51
C LEU B 269 -2.39 -17.94 1.97
N ALA B 270 -3.06 -18.79 2.74
CA ALA B 270 -2.67 -19.02 4.16
C ALA B 270 -1.17 -19.30 4.33
N ALA B 271 -0.62 -20.14 3.47
CA ALA B 271 0.80 -20.51 3.61
C ALA B 271 1.70 -19.31 3.29
N LEU B 272 1.30 -18.52 2.29
CA LEU B 272 2.07 -17.33 1.93
C LEU B 272 2.13 -16.40 3.13
N GLN B 273 0.99 -16.21 3.79
CA GLN B 273 0.97 -15.38 5.01
C GLN B 273 1.89 -15.90 6.10
N ARG B 274 1.82 -17.20 6.35
CA ARG B 274 2.70 -17.85 7.31
C ARG B 274 4.16 -17.57 7.00
N PHE B 275 4.56 -17.66 5.74
CA PHE B 275 5.97 -17.40 5.39
C PHE B 275 6.31 -15.92 5.57
N ILE B 276 5.43 -15.04 5.11
CA ILE B 276 5.63 -13.60 5.38
C ILE B 276 5.84 -13.34 6.88
N GLU B 277 4.99 -13.92 7.72
CA GLU B 277 5.13 -13.78 9.15
C GLU B 277 6.48 -14.30 9.66
N TYR B 278 6.87 -15.48 9.21
CA TYR B 278 8.17 -16.03 9.53
C TYR B 278 9.35 -15.10 9.16
N ALA B 279 9.41 -14.68 7.90
CA ALA B 279 10.45 -13.77 7.46
C ALA B 279 10.45 -12.51 8.34
N LYS B 280 9.28 -11.91 8.50
CA LYS B 280 9.15 -10.68 9.28
C LYS B 280 9.59 -10.82 10.74
N SER B 281 9.63 -12.03 11.27
CA SER B 281 10.07 -12.24 12.65
C SER B 281 11.58 -12.31 12.80
N HIS B 282 12.33 -12.05 11.72
CA HIS B 282 13.78 -12.09 11.77
C HIS B 282 14.31 -10.68 11.63
N GLU B 283 15.38 -10.34 12.37
CA GLU B 283 16.11 -9.11 12.07
C GLU B 283 16.94 -9.25 10.79
N GLN B 284 17.18 -8.20 10.10
CA GLN B 284 18.17 -8.17 9.03
C GLN B 284 17.67 -8.89 7.80
N VAL B 285 16.42 -8.60 7.47
CA VAL B 285 15.87 -9.06 6.21
C VAL B 285 15.52 -7.84 5.37
N TRP B 286 16.03 -7.81 4.15
CA TRP B 286 15.65 -6.79 3.18
C TRP B 286 14.48 -7.22 2.28
N PHE B 287 13.28 -6.70 2.56
CA PHE B 287 12.11 -6.94 1.70
C PHE B 287 12.11 -5.85 0.66
N THR B 288 12.32 -6.23 -0.61
CA THR B 288 12.62 -5.26 -1.62
C THR B 288 12.06 -5.59 -3.01
N ARG B 289 12.23 -4.64 -3.94
CA ARG B 289 11.86 -4.84 -5.33
C ARG B 289 13.09 -5.01 -6.18
N ARG B 290 12.90 -5.58 -7.36
CA ARG B 290 14.01 -5.92 -8.21
C ARG B 290 14.73 -4.70 -8.81
N VAL B 291 14.00 -3.62 -9.07
CA VAL B 291 14.65 -2.42 -9.56
C VAL B 291 15.55 -1.84 -8.47
N ASP B 292 15.17 -2.02 -7.21
CA ASP B 292 15.95 -1.50 -6.09
C ASP B 292 17.24 -2.30 -5.99
N ILE B 293 17.12 -3.62 -6.16
CA ILE B 293 18.30 -4.48 -6.18
C ILE B 293 19.22 -4.05 -7.33
N ALA B 294 18.64 -3.74 -8.49
CA ALA B 294 19.43 -3.31 -9.64
C ALA B 294 20.24 -2.05 -9.32
N ARG B 295 19.58 -1.05 -8.76
CA ARG B 295 20.23 0.21 -8.45
C ARG B 295 21.34 0.00 -7.42
N HIS B 296 21.02 -0.75 -6.37
CA HIS B 296 21.98 -1.14 -5.34
C HIS B 296 23.22 -1.81 -5.91
N TRP B 297 23.05 -2.64 -6.93
CA TRP B 297 24.19 -3.26 -7.56
C TRP B 297 25.06 -2.24 -8.31
N HIS B 298 24.41 -1.37 -9.08
CA HIS B 298 25.09 -0.27 -9.76
C HIS B 298 25.90 0.58 -8.79
N ALA B 299 25.38 0.71 -7.56
CA ALA B 299 26.07 1.51 -6.55
C ALA B 299 27.19 0.74 -5.86
N THR B 300 26.98 -0.56 -5.63
CA THR B 300 27.85 -1.33 -4.75
C THR B 300 28.86 -2.19 -5.49
N HIS B 301 28.47 -2.63 -6.68
CA HIS B 301 29.33 -3.45 -7.53
C HIS B 301 29.21 -2.96 -8.98
N PRO B 302 29.66 -1.73 -9.23
CA PRO B 302 29.61 -1.10 -10.55
C PRO B 302 30.24 -1.97 -11.63
N TYR B 303 29.69 -1.94 -12.84
CA TYR B 303 30.20 -2.76 -13.94
C TYR B 303 31.57 -2.29 -14.41
N THR B 304 32.62 -2.97 -13.97
CA THR B 304 33.98 -2.45 -14.14
C THR B 304 34.56 -2.60 -15.55
#